data_3NE8
#
_entry.id   3NE8
#
_cell.length_a   71.185
_cell.length_b   53.511
_cell.length_c   58.495
_cell.angle_alpha   90.00
_cell.angle_beta   90.46
_cell.angle_gamma   90.00
#
_symmetry.space_group_name_H-M   'C 1 2 1'
#
loop_
_entity.id
_entity.type
_entity.pdbx_description
1 polymer 'N-acetylmuramoyl-l-alanine amidase'
2 non-polymer 'ZINC ION'
3 non-polymer 'ACETATE ION'
4 non-polymer 'FORMIC ACID'
5 non-polymer GLYCEROL
6 water water
#
_entity_poly.entity_id   1
_entity_poly.type   'polypeptide(L)'
_entity_poly.pdbx_seq_one_letter_code
;SNASFRVVLDPGHGGIDGGARGVTGILEKDVTLAFARALRDELQKGSHTIVALTRDSDIFLRLSERVKKAQEFDADLFIS
IHADTIDVHSLRGATVYTISDEASDAIAKSLAESENKVDLLDGLPKEESLELTDILLDLTRRETHAFSINFANNVVSNLS
KSHINLINNPHRYADFQVLKAPDVPSVLIEIGYLSNKEDEKLLNNPQWRKQ(MSE)AASIAYSIRQFAEYRQKI(MSE)Q
PL
;
_entity_poly.pdbx_strand_id   A
#
# COMPACT_ATOMS: atom_id res chain seq x y z
N ALA A 3 -21.98 8.91 4.80
CA ALA A 3 -20.86 9.77 4.40
C ALA A 3 -19.92 9.05 3.44
N SER A 4 -19.32 9.81 2.52
CA SER A 4 -18.38 9.24 1.57
C SER A 4 -17.02 9.03 2.22
N PHE A 5 -16.57 7.79 2.22
CA PHE A 5 -15.29 7.42 2.79
C PHE A 5 -14.19 7.81 1.82
N ARG A 6 -13.11 8.43 2.31
CA ARG A 6 -12.11 9.02 1.44
C ARG A 6 -10.83 8.19 1.43
N VAL A 7 -10.43 7.72 0.26
CA VAL A 7 -9.28 6.84 0.13
C VAL A 7 -8.28 7.40 -0.86
N VAL A 8 -7.00 7.40 -0.46
CA VAL A 8 -5.93 7.79 -1.37
C VAL A 8 -5.08 6.57 -1.66
N LEU A 9 -4.89 6.30 -2.95
CA LEU A 9 -4.05 5.21 -3.43
C LEU A 9 -2.75 5.78 -3.95
N ASP A 10 -1.65 5.16 -3.56
CA ASP A 10 -0.31 5.59 -3.96
C ASP A 10 0.37 4.53 -4.80
N PRO A 11 0.37 4.73 -6.14
CA PRO A 11 1.12 3.78 -6.98
C PRO A 11 2.62 3.97 -6.77
N GLY A 12 3.28 2.97 -6.18
CA GLY A 12 4.69 3.09 -5.88
C GLY A 12 5.54 3.46 -7.09
N HIS A 13 6.60 4.23 -6.82
CA HIS A 13 7.59 4.58 -7.84
C HIS A 13 6.98 5.50 -8.88
N GLY A 14 7.58 5.58 -10.07
CA GLY A 14 7.11 6.51 -11.09
C GLY A 14 8.22 7.35 -11.67
N GLY A 15 8.08 7.69 -12.94
CA GLY A 15 9.02 8.55 -13.63
C GLY A 15 10.39 7.89 -13.70
N ILE A 16 11.40 8.64 -13.29
CA ILE A 16 12.78 8.15 -13.31
CA ILE A 16 12.77 8.14 -13.33
C ILE A 16 12.95 6.87 -12.49
N ASP A 17 12.07 6.67 -11.51
CA ASP A 17 12.15 5.49 -10.66
C ASP A 17 11.24 4.39 -11.22
N GLY A 18 11.82 3.44 -11.93
CA GLY A 18 11.04 2.35 -12.49
C GLY A 18 10.65 1.30 -11.46
N GLY A 19 11.27 1.31 -10.29
CA GLY A 19 11.09 0.25 -9.32
C GLY A 19 11.68 -1.07 -9.82
N ALA A 20 11.18 -2.18 -9.28
CA ALA A 20 11.69 -3.50 -9.65
C ALA A 20 11.38 -3.82 -11.11
N ARG A 21 12.19 -4.69 -11.70
CA ARG A 21 12.01 -5.10 -13.09
C ARG A 21 11.89 -6.62 -13.14
N GLY A 22 10.83 -7.11 -13.75
CA GLY A 22 10.65 -8.54 -13.97
C GLY A 22 11.50 -9.08 -15.10
N VAL A 23 11.58 -10.41 -15.20
CA VAL A 23 12.36 -11.06 -16.24
C VAL A 23 11.82 -10.76 -17.63
N THR A 24 10.53 -10.47 -17.71
CA THR A 24 9.90 -10.11 -18.98
C THR A 24 10.09 -8.64 -19.35
N GLY A 25 10.71 -7.87 -18.47
CA GLY A 25 10.90 -6.45 -18.69
C GLY A 25 9.86 -5.57 -18.02
N ILE A 26 8.80 -6.19 -17.49
CA ILE A 26 7.76 -5.43 -16.84
C ILE A 26 8.30 -4.64 -15.65
N LEU A 27 7.86 -3.39 -15.49
CA LEU A 27 8.35 -2.51 -14.44
C LEU A 27 7.34 -2.32 -13.32
N GLU A 28 7.84 -2.35 -12.09
CA GLU A 28 7.01 -2.10 -10.92
C GLU A 28 6.19 -0.82 -11.07
N LYS A 29 6.80 0.26 -11.55
CA LYS A 29 6.07 1.52 -11.61
C LYS A 29 4.84 1.43 -12.51
N ASP A 30 4.89 0.57 -13.52
CA ASP A 30 3.74 0.40 -14.39
C ASP A 30 2.68 -0.53 -13.80
N VAL A 31 3.13 -1.58 -13.13
CA VAL A 31 2.23 -2.51 -12.46
C VAL A 31 1.47 -1.79 -11.34
N THR A 32 2.16 -0.97 -10.57
CA THR A 32 1.49 -0.35 -9.42
C THR A 32 0.43 0.67 -9.89
N LEU A 33 0.73 1.43 -10.96
CA LEU A 33 -0.24 2.37 -11.51
C LEU A 33 -1.45 1.61 -12.06
N ALA A 34 -1.20 0.52 -12.78
CA ALA A 34 -2.30 -0.27 -13.34
C ALA A 34 -3.16 -0.84 -12.23
N PHE A 35 -2.51 -1.33 -11.18
CA PHE A 35 -3.25 -1.88 -10.05
C PHE A 35 -4.07 -0.81 -9.35
N ALA A 36 -3.46 0.35 -9.12
CA ALA A 36 -4.17 1.46 -8.48
C ALA A 36 -5.39 1.85 -9.29
N ARG A 37 -5.25 1.90 -10.61
CA ARG A 37 -6.39 2.23 -11.47
C ARG A 37 -7.49 1.17 -11.37
N ALA A 38 -7.11 -0.10 -11.28
CA ALA A 38 -8.10 -1.16 -11.12
C ALA A 38 -8.82 -1.07 -9.78
N LEU A 39 -8.07 -0.78 -8.72
CA LEU A 39 -8.67 -0.63 -7.40
C LEU A 39 -9.59 0.60 -7.36
N ARG A 40 -9.16 1.70 -7.99
CA ARG A 40 -10.06 2.84 -8.13
C ARG A 40 -11.36 2.44 -8.82
N ASP A 41 -11.25 1.70 -9.91
CA ASP A 41 -12.44 1.28 -10.64
C ASP A 41 -13.36 0.42 -9.77
N GLU A 42 -12.79 -0.52 -9.04
CA GLU A 42 -13.60 -1.36 -8.16
C GLU A 42 -14.29 -0.52 -7.09
N LEU A 43 -13.57 0.42 -6.51
CA LEU A 43 -14.15 1.27 -5.48
C LEU A 43 -15.26 2.14 -6.03
N GLN A 44 -15.11 2.59 -7.27
CA GLN A 44 -16.08 3.48 -7.90
C GLN A 44 -17.32 2.72 -8.38
N LYS A 45 -17.24 1.40 -8.42
CA LYS A 45 -18.42 0.57 -8.68
C LYS A 45 -19.29 0.50 -7.45
N GLY A 46 -18.66 0.66 -6.28
CA GLY A 46 -19.36 0.58 -5.02
C GLY A 46 -20.02 1.90 -4.69
N SER A 47 -20.63 1.98 -3.51
CA SER A 47 -21.22 3.23 -3.07
C SER A 47 -20.35 3.88 -2.01
N HIS A 48 -20.43 5.21 -1.94
CA HIS A 48 -19.89 5.95 -0.81
C HIS A 48 -18.39 5.84 -0.59
N THR A 49 -17.61 5.63 -1.66
CA THR A 49 -16.16 5.78 -1.56
C THR A 49 -15.65 6.81 -2.57
N ILE A 50 -14.91 7.80 -2.09
CA ILE A 50 -14.29 8.79 -2.96
C ILE A 50 -12.79 8.52 -2.99
N VAL A 51 -12.24 8.41 -4.19
CA VAL A 51 -10.89 7.93 -4.38
C VAL A 51 -10.03 8.97 -5.07
N ALA A 52 -8.79 9.12 -4.62
CA ALA A 52 -7.80 9.90 -5.35
C ALA A 52 -6.52 9.10 -5.41
N LEU A 53 -5.72 9.34 -6.45
CA LEU A 53 -4.40 8.75 -6.59
C LEU A 53 -3.32 9.82 -6.35
N THR A 54 -2.21 9.43 -5.74
CA THR A 54 -1.09 10.38 -5.59
C THR A 54 -0.55 10.80 -6.96
N ARG A 55 -0.50 9.86 -7.90
CA ARG A 55 -0.17 10.12 -9.29
C ARG A 55 -1.10 9.30 -10.15
N ASP A 56 -1.54 9.89 -11.26
CA ASP A 56 -2.31 9.17 -12.27
C ASP A 56 -1.64 9.33 -13.62
N SER A 57 -0.32 9.27 -13.58
CA SER A 57 0.54 9.39 -14.75
C SER A 57 1.92 8.95 -14.32
N ASP A 58 2.84 8.91 -15.29
CA ASP A 58 4.18 8.43 -15.05
C ASP A 58 5.06 9.58 -14.59
N ILE A 59 5.01 9.89 -13.30
CA ILE A 59 5.85 10.95 -12.73
C ILE A 59 6.49 10.43 -11.45
N PHE A 60 7.61 11.04 -11.10
CA PHE A 60 8.33 10.74 -9.87
C PHE A 60 7.79 11.60 -8.73
N LEU A 61 7.55 10.99 -7.57
CA LEU A 61 7.16 11.72 -6.37
C LEU A 61 7.98 11.24 -5.19
N ARG A 62 8.52 12.19 -4.43
CA ARG A 62 9.14 11.86 -3.16
C ARG A 62 8.10 11.27 -2.20
N LEU A 63 8.55 10.42 -1.29
CA LEU A 63 7.65 9.77 -0.36
C LEU A 63 6.87 10.80 0.48
N SER A 64 7.54 11.86 0.91
CA SER A 64 6.86 12.87 1.71
C SER A 64 5.75 13.57 0.93
N GLU A 65 5.90 13.69 -0.39
CA GLU A 65 4.88 14.29 -1.22
CA GLU A 65 4.88 14.31 -1.19
C GLU A 65 3.64 13.40 -1.29
N ARG A 66 3.87 12.09 -1.32
CA ARG A 66 2.75 11.14 -1.34
C ARG A 66 1.95 11.25 -0.05
N VAL A 67 2.66 11.32 1.08
CA VAL A 67 2.00 11.48 2.39
C VAL A 67 1.23 12.79 2.44
N LYS A 68 1.85 13.87 1.97
CA LYS A 68 1.21 15.18 1.98
CA LYS A 68 1.19 15.17 1.98
C LYS A 68 -0.09 15.16 1.16
N LYS A 69 -0.08 14.46 0.03
CA LYS A 69 -1.29 14.39 -0.80
C LYS A 69 -2.42 13.68 -0.05
N ALA A 70 -2.11 12.65 0.71
CA ALA A 70 -3.12 11.96 1.50
C ALA A 70 -3.73 12.92 2.53
N GLN A 71 -2.88 13.69 3.19
CA GLN A 71 -3.34 14.64 4.20
C GLN A 71 -4.14 15.78 3.58
N GLU A 72 -3.69 16.30 2.46
CA GLU A 72 -4.40 17.39 1.80
CA GLU A 72 -4.39 17.38 1.76
C GLU A 72 -5.79 16.96 1.34
N PHE A 73 -5.95 15.68 1.05
CA PHE A 73 -7.23 15.12 0.60
C PHE A 73 -8.15 14.83 1.80
N ASP A 74 -7.66 15.00 3.02
CA ASP A 74 -8.40 14.57 4.21
C ASP A 74 -8.76 13.09 4.10
N ALA A 75 -7.79 12.28 3.69
CA ALA A 75 -8.01 10.86 3.52
C ALA A 75 -8.38 10.17 4.83
N ASP A 76 -9.29 9.21 4.73
CA ASP A 76 -9.59 8.30 5.84
C ASP A 76 -8.72 7.05 5.81
N LEU A 77 -8.03 6.82 4.70
CA LEU A 77 -7.20 5.63 4.51
C LEU A 77 -6.24 5.92 3.36
N PHE A 78 -5.01 5.46 3.50
CA PHE A 78 -3.94 5.62 2.52
C PHE A 78 -3.34 4.25 2.26
N ILE A 79 -3.25 3.86 0.99
CA ILE A 79 -2.71 2.56 0.60
C ILE A 79 -1.62 2.76 -0.43
N SER A 80 -0.39 2.38 -0.07
CA SER A 80 0.72 2.44 -1.01
C SER A 80 0.88 1.07 -1.64
N ILE A 81 0.94 1.04 -2.97
CA ILE A 81 0.89 -0.18 -3.75
C ILE A 81 2.25 -0.47 -4.39
N HIS A 82 2.77 -1.67 -4.15
CA HIS A 82 4.12 -2.06 -4.54
C HIS A 82 4.19 -3.46 -5.12
N ALA A 83 5.28 -3.72 -5.84
CA ALA A 83 5.60 -5.05 -6.35
C ALA A 83 7.12 -5.16 -6.42
N ASP A 84 7.74 -5.28 -5.26
CA ASP A 84 9.18 -5.11 -5.14
C ASP A 84 10.00 -6.37 -5.36
N THR A 85 11.30 -6.17 -5.45
CA THR A 85 12.22 -7.29 -5.37
CA THR A 85 12.24 -7.28 -5.38
C THR A 85 12.67 -7.42 -3.92
N ILE A 86 12.67 -8.65 -3.40
CA ILE A 86 13.15 -8.89 -2.05
C ILE A 86 14.37 -9.79 -2.13
N ASP A 87 15.11 -9.87 -1.02
CA ASP A 87 16.43 -10.51 -1.02
C ASP A 87 16.36 -11.99 -1.36
N VAL A 88 15.29 -12.65 -0.91
CA VAL A 88 15.11 -14.07 -1.16
C VAL A 88 14.10 -14.25 -2.30
N HIS A 89 14.55 -14.84 -3.39
CA HIS A 89 13.71 -14.92 -4.59
CA HIS A 89 13.74 -14.96 -4.61
C HIS A 89 12.62 -16.00 -4.50
N SER A 90 12.72 -16.87 -3.50
CA SER A 90 11.72 -17.93 -3.34
C SER A 90 10.48 -17.42 -2.60
N LEU A 91 10.60 -16.25 -2.00
CA LEU A 91 9.51 -15.62 -1.28
C LEU A 91 8.49 -15.03 -2.26
N ARG A 92 7.22 -15.31 -2.01
CA ARG A 92 6.18 -14.83 -2.90
C ARG A 92 4.86 -14.72 -2.16
N GLY A 93 3.94 -13.96 -2.73
CA GLY A 93 2.61 -13.83 -2.19
C GLY A 93 2.28 -12.43 -1.70
N ALA A 94 1.00 -12.10 -1.69
CA ALA A 94 0.56 -10.80 -1.21
C ALA A 94 0.98 -10.59 0.24
N THR A 95 1.35 -9.37 0.56
CA THR A 95 1.80 -8.99 1.90
C THR A 95 1.25 -7.61 2.22
N VAL A 96 0.93 -7.38 3.49
CA VAL A 96 0.55 -6.04 3.95
C VAL A 96 1.51 -5.60 5.05
N TYR A 97 2.06 -4.41 4.90
CA TYR A 97 2.96 -3.83 5.89
C TYR A 97 2.33 -2.61 6.55
N THR A 98 2.53 -2.51 7.86
CA THR A 98 2.24 -1.31 8.62
C THR A 98 3.54 -0.73 9.15
N ILE A 99 3.49 0.49 9.69
CA ILE A 99 4.72 1.14 10.14
C ILE A 99 5.12 0.69 11.54
N SER A 100 6.43 0.65 11.78
CA SER A 100 6.97 0.33 13.10
C SER A 100 8.42 0.77 13.10
N ASP A 101 8.93 1.20 14.25
CA ASP A 101 10.33 1.55 14.36
C ASP A 101 11.19 0.30 14.26
N GLU A 102 10.67 -0.80 14.79
CA GLU A 102 11.36 -2.09 14.81
C GLU A 102 10.68 -3.04 13.83
N ALA A 103 11.47 -3.59 12.89
CA ALA A 103 10.93 -4.45 11.84
C ALA A 103 10.47 -5.79 12.38
N SER A 104 9.47 -6.37 11.72
CA SER A 104 8.94 -7.68 12.13
C SER A 104 9.94 -8.81 11.87
N ASP A 105 10.81 -8.61 10.90
CA ASP A 105 11.73 -9.64 10.44
C ASP A 105 12.76 -9.03 9.51
N ALA A 106 13.78 -9.80 9.17
CA ALA A 106 14.89 -9.29 8.38
C ALA A 106 14.51 -8.90 6.96
N ILE A 107 13.56 -9.62 6.36
CA ILE A 107 13.11 -9.29 5.01
C ILE A 107 12.41 -7.94 5.00
N ALA A 108 11.51 -7.74 5.97
CA ALA A 108 10.79 -6.48 6.09
C ALA A 108 11.76 -5.32 6.33
N LYS A 109 12.75 -5.55 7.18
CA LYS A 109 13.71 -4.50 7.51
C LYS A 109 14.49 -4.08 6.27
N SER A 110 14.96 -5.05 5.50
CA SER A 110 15.74 -4.76 4.31
C SER A 110 14.86 -4.10 3.25
N LEU A 111 13.62 -4.55 3.14
CA LEU A 111 12.70 -3.98 2.16
C LEU A 111 12.45 -2.50 2.45
N ALA A 112 12.17 -2.16 3.70
CA ALA A 112 11.96 -0.75 4.05
C ALA A 112 13.20 0.10 3.78
N GLU A 113 14.37 -0.43 4.11
CA GLU A 113 15.61 0.30 3.85
C GLU A 113 15.72 0.66 2.38
N SER A 114 15.48 -0.32 1.53
CA SER A 114 15.59 -0.11 0.09
C SER A 114 14.50 0.80 -0.45
N GLU A 115 13.27 0.60 0.02
CA GLU A 115 12.14 1.37 -0.49
C GLU A 115 12.18 2.83 -0.05
N ASN A 116 12.82 3.11 1.09
CA ASN A 116 12.98 4.48 1.54
C ASN A 116 14.04 5.23 0.73
N LYS A 117 15.01 4.49 0.20
CA LYS A 117 16.11 5.17 -0.48
CA LYS A 117 16.13 5.11 -0.51
C LYS A 117 15.77 5.63 -1.90
N VAL A 118 14.60 5.24 -2.41
CA VAL A 118 14.25 5.65 -3.77
C VAL A 118 14.10 7.16 -3.95
N ASP A 119 13.87 7.90 -2.87
CA ASP A 119 13.82 9.36 -2.95
C ASP A 119 15.08 9.91 -3.62
N LEU A 120 16.21 9.24 -3.38
CA LEU A 120 17.50 9.75 -3.83
C LEU A 120 17.68 9.62 -5.34
N LEU A 121 16.77 8.93 -6.01
CA LEU A 121 16.90 8.73 -7.45
C LEU A 121 16.73 10.00 -8.28
N ASP A 122 16.21 11.07 -7.66
CA ASP A 122 16.17 12.35 -8.37
C ASP A 122 17.51 13.09 -8.25
N GLY A 123 18.46 12.49 -7.55
CA GLY A 123 19.78 13.07 -7.38
C GLY A 123 19.80 14.30 -6.46
N LEU A 124 18.72 14.53 -5.74
CA LEU A 124 18.68 15.61 -4.76
C LEU A 124 18.93 15.05 -3.36
N PRO A 125 19.29 15.90 -2.40
CA PRO A 125 19.60 15.42 -1.05
C PRO A 125 18.41 14.77 -0.34
N LYS A 126 18.73 13.91 0.64
CA LYS A 126 17.73 13.26 1.47
C LYS A 126 16.96 14.31 2.25
N GLU A 127 15.69 14.07 2.52
CA GLU A 127 14.95 15.00 3.37
C GLU A 127 14.66 14.42 4.75
N ASP A 134 5.13 16.14 21.15
CA ASP A 134 3.78 16.65 21.40
C ASP A 134 2.85 15.51 21.79
N ILE A 135 2.27 15.60 22.98
CA ILE A 135 1.39 14.55 23.50
C ILE A 135 0.16 14.32 22.65
N LEU A 136 -0.49 15.40 22.22
CA LEU A 136 -1.70 15.29 21.41
C LEU A 136 -1.41 14.59 20.09
N LEU A 137 -0.26 14.93 19.50
CA LEU A 137 0.18 14.28 18.27
C LEU A 137 0.44 12.79 18.50
N ASP A 138 1.10 12.47 19.61
CA ASP A 138 1.46 11.09 19.90
C ASP A 138 0.22 10.24 20.15
N LEU A 139 -0.79 10.83 20.79
CA LEU A 139 -2.08 10.15 20.96
C LEU A 139 -2.76 9.89 19.62
N THR A 140 -2.78 10.91 18.76
CA THR A 140 -3.37 10.80 17.43
C THR A 140 -2.70 9.68 16.65
N ARG A 141 -1.38 9.64 16.76
CA ARG A 141 -0.58 8.60 16.13
C ARG A 141 -1.00 7.20 16.58
N ARG A 142 -1.27 7.06 17.88
CA ARG A 142 -1.62 5.76 18.43
C ARG A 142 -2.98 5.30 17.89
N GLU A 143 -3.91 6.24 17.82
CA GLU A 143 -5.22 5.98 17.25
CA GLU A 143 -5.22 5.97 17.25
C GLU A 143 -5.12 5.59 15.77
N THR A 144 -4.35 6.37 15.02
CA THR A 144 -4.12 6.07 13.62
C THR A 144 -3.55 4.67 13.43
N HIS A 145 -2.60 4.30 14.29
CA HIS A 145 -1.96 3.01 14.16
C HIS A 145 -2.96 1.87 14.39
N ALA A 146 -3.84 2.03 15.37
CA ALA A 146 -4.88 1.04 15.61
C ALA A 146 -5.69 0.81 14.34
N PHE A 147 -6.02 1.88 13.63
CA PHE A 147 -6.77 1.78 12.39
C PHE A 147 -5.96 1.10 11.29
N SER A 148 -4.68 1.46 11.18
CA SER A 148 -3.82 0.83 10.17
C SER A 148 -3.75 -0.68 10.35
N ILE A 149 -3.57 -1.10 11.59
CA ILE A 149 -3.51 -2.52 11.97
CA ILE A 149 -3.49 -2.53 11.86
C ILE A 149 -4.82 -3.22 11.63
N ASN A 150 -5.92 -2.59 12.02
CA ASN A 150 -7.24 -3.15 11.74
C ASN A 150 -7.42 -3.38 10.24
N PHE A 151 -7.09 -2.38 9.44
CA PHE A 151 -7.24 -2.54 8.00
C PHE A 151 -6.33 -3.64 7.46
N ALA A 152 -5.07 -3.64 7.89
CA ALA A 152 -4.15 -4.68 7.44
C ALA A 152 -4.72 -6.07 7.73
N ASN A 153 -5.24 -6.26 8.94
CA ASN A 153 -5.82 -7.54 9.35
C ASN A 153 -6.97 -7.95 8.46
N ASN A 154 -7.84 -6.99 8.18
CA ASN A 154 -9.00 -7.30 7.36
C ASN A 154 -8.59 -7.64 5.93
N VAL A 155 -7.62 -6.91 5.38
CA VAL A 155 -7.16 -7.18 4.03
C VAL A 155 -6.65 -8.61 3.91
N VAL A 156 -5.81 -9.02 4.85
CA VAL A 156 -5.28 -10.37 4.88
C VAL A 156 -6.40 -11.40 4.98
N SER A 157 -7.35 -11.17 5.88
CA SER A 157 -8.47 -12.08 6.06
C SER A 157 -9.25 -12.28 4.76
N ASN A 158 -9.57 -11.19 4.08
CA ASN A 158 -10.36 -11.27 2.86
C ASN A 158 -9.58 -11.81 1.65
N LEU A 159 -8.30 -11.52 1.58
CA LEU A 159 -7.48 -12.11 0.52
C LEU A 159 -7.49 -13.63 0.66
N SER A 160 -7.37 -14.10 1.90
CA SER A 160 -7.38 -15.52 2.18
CA SER A 160 -7.38 -15.53 2.16
CA SER A 160 -7.40 -15.53 2.21
C SER A 160 -8.71 -16.15 1.77
N LYS A 161 -9.82 -15.49 2.12
CA LYS A 161 -11.14 -15.99 1.77
C LYS A 161 -11.33 -16.04 0.25
N SER A 162 -10.62 -15.16 -0.46
CA SER A 162 -10.68 -15.11 -1.92
C SER A 162 -9.66 -16.03 -2.58
N HIS A 163 -8.97 -16.83 -1.78
CA HIS A 163 -7.98 -17.78 -2.27
C HIS A 163 -6.87 -17.10 -3.07
N ILE A 164 -6.54 -15.87 -2.70
CA ILE A 164 -5.39 -15.17 -3.25
C ILE A 164 -4.19 -15.53 -2.40
N ASN A 165 -3.11 -15.97 -3.04
CA ASN A 165 -1.99 -16.49 -2.28
C ASN A 165 -1.28 -15.41 -1.47
N LEU A 166 -1.07 -15.71 -0.20
CA LEU A 166 -0.42 -14.82 0.75
C LEU A 166 0.94 -15.38 1.12
N ILE A 167 1.90 -14.50 1.36
CA ILE A 167 3.19 -14.92 1.91
C ILE A 167 2.98 -15.43 3.33
N ASN A 168 3.88 -16.27 3.82
CA ASN A 168 3.90 -16.67 5.22
CA ASN A 168 3.80 -16.66 5.22
C ASN A 168 3.98 -15.41 6.08
N ASN A 169 3.24 -15.36 7.18
CA ASN A 169 3.21 -14.15 8.02
C ASN A 169 2.89 -12.92 7.18
N PRO A 170 1.67 -12.85 6.63
CA PRO A 170 1.36 -11.83 5.62
C PRO A 170 1.14 -10.43 6.17
N HIS A 171 1.02 -10.25 7.48
CA HIS A 171 1.06 -8.91 8.05
C HIS A 171 2.42 -8.68 8.68
N ARG A 172 3.22 -7.81 8.07
CA ARG A 172 4.55 -7.48 8.54
C ARG A 172 4.65 -5.98 8.82
N TYR A 173 5.81 -5.53 9.27
CA TYR A 173 5.97 -4.12 9.60
C TYR A 173 7.43 -3.71 9.64
N ALA A 174 7.67 -2.44 9.31
CA ALA A 174 9.00 -1.87 9.33
C ALA A 174 8.85 -0.38 9.16
N ASP A 175 9.97 0.34 9.18
CA ASP A 175 9.96 1.79 9.21
C ASP A 175 9.86 2.39 7.80
N PHE A 176 8.73 2.17 7.14
CA PHE A 176 8.48 2.71 5.79
C PHE A 176 8.10 4.19 5.88
N GLN A 177 8.89 5.06 5.26
CA GLN A 177 8.64 6.50 5.29
CA GLN A 177 8.63 6.49 5.32
C GLN A 177 7.30 6.89 4.67
N VAL A 178 6.83 6.11 3.71
CA VAL A 178 5.56 6.46 3.06
C VAL A 178 4.37 6.21 3.98
N LEU A 179 4.60 5.51 5.10
CA LEU A 179 3.53 5.20 6.06
C LEU A 179 3.53 6.13 7.28
N LYS A 180 4.23 7.26 7.18
CA LYS A 180 4.44 8.16 8.32
C LYS A 180 3.33 9.16 8.64
N ALA A 181 2.22 9.17 7.91
CA ALA A 181 1.15 10.12 8.24
C ALA A 181 0.69 9.88 9.68
N PRO A 182 0.75 10.91 10.54
CA PRO A 182 0.32 10.67 11.93
C PRO A 182 -1.19 10.57 12.07
N ASP A 183 -1.90 11.05 11.04
CA ASP A 183 -3.35 11.28 11.10
C ASP A 183 -4.15 10.55 10.01
N VAL A 184 -3.48 9.71 9.24
CA VAL A 184 -4.18 8.95 8.20
C VAL A 184 -3.76 7.48 8.31
N PRO A 185 -4.71 6.58 8.58
CA PRO A 185 -4.37 5.15 8.62
C PRO A 185 -3.71 4.77 7.31
N SER A 186 -2.60 4.04 7.36
CA SER A 186 -1.76 3.79 6.18
C SER A 186 -1.23 2.38 6.18
N VAL A 187 -1.30 1.73 5.02
CA VAL A 187 -0.65 0.44 4.82
C VAL A 187 0.08 0.43 3.50
N LEU A 188 1.06 -0.46 3.39
CA LEU A 188 1.76 -0.71 2.15
C LEU A 188 1.46 -2.14 1.73
N ILE A 189 0.90 -2.31 0.54
CA ILE A 189 0.53 -3.64 0.06
C ILE A 189 1.48 -4.05 -1.05
N GLU A 190 2.16 -5.17 -0.85
CA GLU A 190 2.90 -5.80 -1.94
C GLU A 190 1.91 -6.70 -2.64
N ILE A 191 1.56 -6.39 -3.88
CA ILE A 191 0.65 -7.19 -4.70
CA ILE A 191 0.60 -7.25 -4.51
C ILE A 191 1.27 -8.57 -4.90
N GLY A 192 2.60 -8.55 -5.07
CA GLY A 192 3.43 -9.72 -5.25
C GLY A 192 4.86 -9.24 -5.37
N TYR A 193 5.82 -10.16 -5.49
CA TYR A 193 7.22 -9.77 -5.58
C TYR A 193 7.78 -10.05 -6.96
N LEU A 194 8.24 -9.01 -7.64
CA LEU A 194 8.80 -9.19 -8.98
C LEU A 194 10.11 -9.98 -8.98
N SER A 195 10.67 -10.24 -7.80
CA SER A 195 11.84 -11.09 -7.67
C SER A 195 11.49 -12.57 -7.80
N ASN A 196 10.20 -12.90 -7.74
CA ASN A 196 9.74 -14.27 -7.87
C ASN A 196 9.01 -14.48 -9.19
N LYS A 197 9.42 -15.52 -9.92
CA LYS A 197 8.93 -15.74 -11.28
C LYS A 197 7.45 -16.05 -11.35
N GLU A 198 6.95 -16.76 -10.35
CA GLU A 198 5.53 -17.09 -10.31
C GLU A 198 4.69 -15.86 -10.01
N ASP A 199 5.13 -15.03 -9.05
CA ASP A 199 4.44 -13.78 -8.80
C ASP A 199 4.44 -12.89 -10.06
N GLU A 200 5.55 -12.85 -10.79
CA GLU A 200 5.60 -12.05 -12.00
C GLU A 200 4.47 -12.46 -12.96
N LYS A 201 4.22 -13.76 -13.08
CA LYS A 201 3.15 -14.23 -13.96
C LYS A 201 1.76 -13.79 -13.50
N LEU A 202 1.53 -13.76 -12.20
CA LEU A 202 0.28 -13.22 -11.67
C LEU A 202 0.20 -11.72 -11.91
N LEU A 203 1.29 -11.03 -11.63
CA LEU A 203 1.33 -9.57 -11.71
CA LEU A 203 1.30 -9.57 -11.69
C LEU A 203 1.04 -9.04 -13.10
N ASN A 204 1.37 -9.82 -14.11
CA ASN A 204 1.16 -9.47 -15.50
CA ASN A 204 1.11 -9.33 -15.46
C ASN A 204 -0.26 -9.74 -16.01
N ASN A 205 -1.05 -10.42 -15.19
CA ASN A 205 -2.39 -10.88 -15.57
C ASN A 205 -3.45 -9.91 -15.07
N PRO A 206 -4.08 -9.14 -15.97
CA PRO A 206 -4.99 -8.10 -15.49
C PRO A 206 -6.24 -8.66 -14.82
N GLN A 207 -6.63 -9.88 -15.19
CA GLN A 207 -7.79 -10.48 -14.55
CA GLN A 207 -7.78 -10.51 -14.56
C GLN A 207 -7.47 -10.86 -13.12
N TRP A 208 -6.27 -11.37 -12.89
CA TRP A 208 -5.86 -11.68 -11.54
C TRP A 208 -5.75 -10.40 -10.72
N ARG A 209 -5.14 -9.37 -11.32
CA ARG A 209 -5.04 -8.09 -10.63
C ARG A 209 -6.41 -7.53 -10.24
N LYS A 210 -7.37 -7.65 -11.15
CA LYS A 210 -8.73 -7.19 -10.89
C LYS A 210 -9.35 -7.96 -9.71
N GLN A 211 -9.13 -9.27 -9.67
CA GLN A 211 -9.67 -10.07 -8.57
C GLN A 211 -9.08 -9.66 -7.23
N ALA A 213 -7.83 -6.62 -6.58
CA ALA A 213 -8.36 -5.31 -6.32
C ALA A 213 -9.79 -5.39 -5.78
N ALA A 214 -10.59 -6.30 -6.30
CA ALA A 214 -11.96 -6.47 -5.83
C ALA A 214 -12.00 -6.87 -4.36
N SER A 215 -11.07 -7.73 -3.95
CA SER A 215 -10.99 -8.16 -2.55
C SER A 215 -10.60 -6.97 -1.66
N ILE A 216 -9.60 -6.21 -2.10
CA ILE A 216 -9.20 -5.04 -1.32
C ILE A 216 -10.34 -4.02 -1.23
N ALA A 217 -11.09 -3.84 -2.31
CA ALA A 217 -12.22 -2.92 -2.30
C ALA A 217 -13.27 -3.35 -1.27
N TYR A 218 -13.52 -4.65 -1.18
CA TYR A 218 -14.44 -5.18 -0.18
C TYR A 218 -13.91 -4.88 1.23
N SER A 219 -12.62 -5.10 1.44
CA SER A 219 -12.02 -4.80 2.73
C SER A 219 -12.18 -3.33 3.08
N ILE A 220 -12.00 -2.46 2.10
CA ILE A 220 -12.18 -1.02 2.30
C ILE A 220 -13.62 -0.69 2.70
N ARG A 221 -14.60 -1.29 2.03
CA ARG A 221 -15.99 -1.07 2.40
CA ARG A 221 -15.98 -1.03 2.41
C ARG A 221 -16.28 -1.49 3.85
N GLN A 222 -15.71 -2.63 4.25
CA GLN A 222 -15.90 -3.08 5.63
C GLN A 222 -15.25 -2.12 6.62
N PHE A 223 -14.06 -1.63 6.27
CA PHE A 223 -13.35 -0.68 7.10
C PHE A 223 -14.12 0.63 7.22
N ALA A 224 -14.70 1.09 6.11
CA ALA A 224 -15.50 2.31 6.11
C ALA A 224 -16.71 2.15 7.04
N GLU A 225 -17.38 1.00 6.95
CA GLU A 225 -18.56 0.80 7.79
CA GLU A 225 -18.56 0.74 7.78
C GLU A 225 -18.19 0.81 9.26
N TYR A 226 -17.04 0.23 9.59
CA TYR A 226 -16.52 0.24 10.95
C TYR A 226 -16.19 1.66 11.42
N ARG A 227 -15.43 2.37 10.60
CA ARG A 227 -15.00 3.74 10.94
CA ARG A 227 -15.00 3.73 10.97
C ARG A 227 -16.20 4.64 11.21
N GLN A 228 -17.26 4.46 10.45
CA GLN A 228 -18.41 5.33 10.57
C GLN A 228 -19.29 5.05 11.80
N LYS A 229 -19.03 3.93 12.48
CA LYS A 229 -19.72 3.62 13.73
C LYS A 229 -19.14 4.37 14.93
N ILE A 230 -17.93 4.90 14.77
CA ILE A 230 -17.18 5.45 15.90
C ILE A 230 -17.58 6.89 16.22
N GLN A 232 -17.83 10.86 17.46
CA GLN A 232 -17.07 12.09 17.29
CA GLN A 232 -17.11 12.09 17.26
C GLN A 232 -17.38 12.99 18.47
N PRO A 233 -16.49 12.95 19.48
CA PRO A 233 -16.70 13.62 20.78
C PRO A 233 -16.19 15.07 20.88
N LEU A 234 -15.55 15.58 19.84
CA LEU A 234 -14.98 16.93 19.92
C LEU A 234 -16.02 18.01 19.64
#